data_4DQM
#
_entry.id   4DQM
#
_cell.length_a   54.120
_cell.length_b   104.460
_cell.length_c   113.480
_cell.angle_alpha   90.00
_cell.angle_beta   90.00
_cell.angle_gamma   90.00
#
_symmetry.space_group_name_H-M   'P 2 21 21'
#
loop_
_entity.id
_entity.type
_entity.pdbx_description
1 polymer 'Retinoic acid receptor alpha'
2 polymer 'Nuclear receptor coactivator 1'
3 non-polymer (5S)-4-[(3E,7E)-4,8-dimethyl-10-(2,6,6-trimethylcyclohex-1-en-1-yl)deca-3,7-dien-1-yl]-5-hydroxyfuran-2(5H)-one
4 water water
#
loop_
_entity_poly.entity_id
_entity_poly.type
_entity_poly.pdbx_seq_one_letter_code
_entity_poly.pdbx_strand_id
1 'polypeptide(L)'
;PEVGELIEKVRKAHQETFPALCQLGKYTTNNSSEQRVSLDIDLWDKFSELSTKCIIKTVEFAKQLPGFTTLTIADQITLL
KAACLDILILRICTRYTPEQDTMTFSDGLTLNRTQMHNAGFGPLTDLVFAFANQLLPLEMDDAETGLLSAICLICGDRQD
LEQPDRVDMLQEPLLEALKVYVRKRRPSRPHMFPKMLMKITDLRSISAKGAERVITLKMEIPGSMPPLIQEMLE
;
A,C
2 'polypeptide(L)' KSLLQQLLTE B,D
#
loop_
_chem_comp.id
_chem_comp.type
_chem_comp.name
_chem_comp.formula
LUF non-polymer (5S)-4-[(3E,7E)-4,8-dimethyl-10-(2,6,6-trimethylcyclohex-1-en-1-yl)deca-3,7-dien-1-yl]-5-hydroxyfuran-2(5H)-one 'C25 H38 O3'
#
# COMPACT_ATOMS: atom_id res chain seq x y z
N PRO A 1 8.04 -12.34 -27.56
CA PRO A 1 9.31 -12.98 -27.93
C PRO A 1 10.14 -13.23 -26.67
N GLU A 2 11.08 -12.33 -26.41
CA GLU A 2 11.81 -12.28 -25.16
C GLU A 2 10.84 -12.10 -23.95
N VAL A 3 9.66 -11.58 -24.23
CA VAL A 3 8.60 -11.47 -23.25
C VAL A 3 8.18 -12.86 -22.78
N GLY A 4 7.84 -13.72 -23.74
CA GLY A 4 7.41 -15.09 -23.45
C GLY A 4 8.38 -15.81 -22.54
N GLU A 5 9.67 -15.62 -22.78
CA GLU A 5 10.66 -16.35 -22.02
C GLU A 5 10.70 -15.86 -20.60
N LEU A 6 10.52 -14.56 -20.40
CA LEU A 6 10.49 -13.97 -19.05
C LEU A 6 9.33 -14.48 -18.23
N ILE A 7 8.13 -14.46 -18.84
CA ILE A 7 6.93 -15.05 -18.22
C ILE A 7 7.17 -16.50 -17.78
N GLU A 8 7.72 -17.29 -18.67
CA GLU A 8 7.91 -18.68 -18.36
C GLU A 8 9.01 -18.83 -17.31
N LYS A 9 9.94 -17.89 -17.24
CA LYS A 9 11.07 -18.07 -16.33
C LYS A 9 10.59 -17.68 -14.96
N VAL A 10 9.69 -16.69 -14.93
CA VAL A 10 9.10 -16.26 -13.67
C VAL A 10 8.07 -17.26 -13.19
N ARG A 11 7.21 -17.75 -14.08
CA ARG A 11 6.31 -18.88 -13.71
C ARG A 11 7.03 -20.10 -13.08
N LYS A 12 8.25 -20.36 -13.49
CA LYS A 12 8.89 -21.55 -13.03
C LYS A 12 9.44 -21.27 -11.66
N ALA A 13 9.98 -20.09 -11.46
CA ALA A 13 10.51 -19.73 -10.15
C ALA A 13 9.42 -19.75 -9.08
N HIS A 14 8.21 -19.34 -9.45
CA HIS A 14 7.08 -19.53 -8.58
C HIS A 14 6.60 -20.95 -8.41
N GLN A 15 6.26 -21.69 -9.49
CA GLN A 15 5.93 -23.15 -9.38
C GLN A 15 6.93 -23.90 -8.50
N GLU A 16 8.24 -23.69 -8.71
CA GLU A 16 9.26 -24.51 -8.03
C GLU A 16 9.49 -24.15 -6.60
N THR A 17 9.27 -22.89 -6.25
CA THR A 17 9.42 -22.50 -4.85
C THR A 17 8.06 -22.46 -4.12
N PHE A 18 6.97 -22.87 -4.76
CA PHE A 18 5.67 -22.77 -4.09
C PHE A 18 4.60 -23.66 -4.67
N PRO A 19 4.46 -24.88 -4.14
CA PRO A 19 3.54 -25.86 -4.70
C PRO A 19 2.09 -25.37 -4.73
N ALA A 20 1.35 -25.89 -5.69
CA ALA A 20 -0.04 -25.48 -5.83
C ALA A 20 -0.82 -26.15 -4.73
N LEU A 21 -1.89 -25.47 -4.31
CA LEU A 21 -2.88 -26.04 -3.38
C LEU A 21 -3.16 -27.55 -3.56
N CYS A 22 -3.44 -27.98 -4.79
CA CYS A 22 -3.86 -29.35 -5.04
C CYS A 22 -2.71 -30.34 -5.09
N GLN A 23 -1.46 -29.88 -5.17
CA GLN A 23 -0.34 -30.81 -5.09
C GLN A 23 -0.13 -31.28 -3.65
N LEU A 24 -0.97 -30.82 -2.72
CA LEU A 24 -0.65 -30.91 -1.32
C LEU A 24 -1.56 -31.81 -0.49
N GLY A 25 -0.91 -32.61 0.34
CA GLY A 25 -1.60 -33.43 1.29
C GLY A 25 -2.13 -32.56 2.39
N LYS A 26 -3.43 -32.28 2.38
CA LYS A 26 -4.03 -31.47 3.44
C LYS A 26 -4.16 -32.25 4.77
N TYR A 27 -4.22 -31.52 5.88
CA TYR A 27 -4.53 -32.16 7.16
C TYR A 27 -4.69 -31.16 8.29
N THR A 28 -5.81 -31.27 8.97
CA THR A 28 -6.17 -30.33 10.01
C THR A 28 -5.86 -30.84 11.38
N THR A 29 -6.42 -30.13 12.35
CA THR A 29 -6.21 -30.35 13.77
C THR A 29 -7.38 -29.68 14.46
N ASN A 30 -7.60 -29.97 15.73
CA ASN A 30 -8.74 -29.34 16.42
C ASN A 30 -8.42 -28.32 17.50
N ASN A 31 -7.13 -28.04 17.69
CA ASN A 31 -6.60 -26.96 18.53
C ASN A 31 -7.37 -25.66 18.33
N SER A 32 -7.87 -25.09 19.43
CA SER A 32 -8.55 -23.80 19.41
C SER A 32 -9.17 -23.40 18.03
N SER A 33 -9.80 -24.36 17.35
CA SER A 33 -10.49 -24.13 16.09
C SER A 33 -11.86 -23.51 16.38
N GLU A 34 -12.16 -23.40 17.67
CA GLU A 34 -13.44 -22.92 18.20
C GLU A 34 -13.39 -21.45 18.62
N GLN A 35 -12.58 -21.20 19.64
CA GLN A 35 -12.61 -19.94 20.33
C GLN A 35 -11.37 -19.13 20.00
N ARG A 36 -11.55 -17.83 19.77
CA ARG A 36 -10.46 -16.90 19.57
C ARG A 36 -9.73 -16.53 20.88
N VAL A 37 -8.57 -17.15 21.08
CA VAL A 37 -7.66 -16.81 22.18
C VAL A 37 -6.67 -15.76 21.68
N SER A 38 -5.75 -15.34 22.55
CA SER A 38 -4.74 -14.36 22.17
C SER A 38 -3.63 -15.04 21.39
N LEU A 39 -3.22 -16.23 21.85
CA LEU A 39 -2.23 -17.07 21.14
C LEU A 39 -2.22 -18.51 21.65
N ASP A 40 -2.32 -19.47 20.73
CA ASP A 40 -2.09 -20.86 21.09
C ASP A 40 -0.65 -21.25 20.77
N ILE A 41 0.04 -21.76 21.76
CA ILE A 41 1.49 -21.92 21.66
C ILE A 41 1.94 -23.04 20.73
N ASP A 42 1.08 -24.05 20.58
CA ASP A 42 1.29 -25.17 19.67
C ASP A 42 1.03 -24.75 18.25
N LEU A 43 0.01 -23.94 18.05
CA LEU A 43 -0.20 -23.35 16.75
C LEU A 43 1.02 -22.48 16.42
N TRP A 44 1.33 -21.54 17.31
CA TRP A 44 2.45 -20.69 17.04
C TRP A 44 3.70 -21.49 16.67
N ASP A 45 3.87 -22.63 17.31
CA ASP A 45 5.07 -23.46 17.13
C ASP A 45 5.23 -24.02 15.71
N LYS A 46 4.16 -24.64 15.21
CA LYS A 46 4.21 -25.14 13.85
C LYS A 46 4.30 -23.96 12.86
N PHE A 47 3.41 -22.98 13.04
CA PHE A 47 3.38 -21.83 12.16
C PHE A 47 4.74 -21.12 12.06
N SER A 48 5.38 -20.81 13.18
CA SER A 48 6.64 -20.09 13.11
C SER A 48 7.76 -20.87 12.38
N GLU A 49 7.80 -22.17 12.60
CA GLU A 49 8.79 -23.01 11.95
C GLU A 49 8.51 -23.11 10.45
N LEU A 50 7.23 -23.27 10.10
CA LEU A 50 6.81 -23.20 8.69
C LEU A 50 7.32 -21.90 8.03
N SER A 51 7.27 -20.79 8.77
CA SER A 51 7.50 -19.49 8.20
C SER A 51 8.96 -19.30 7.90
N THR A 52 9.83 -19.93 8.70
CA THR A 52 11.25 -19.91 8.40
C THR A 52 11.46 -20.55 7.03
N LYS A 53 10.64 -21.55 6.69
CA LYS A 53 10.83 -22.27 5.44
C LYS A 53 10.28 -21.49 4.24
N CYS A 54 9.20 -20.75 4.48
CA CYS A 54 8.64 -19.87 3.49
C CYS A 54 9.58 -18.85 3.05
N ILE A 55 10.21 -18.26 4.04
CA ILE A 55 11.10 -17.16 3.83
C ILE A 55 12.30 -17.67 3.05
N ILE A 56 12.78 -18.88 3.37
CA ILE A 56 13.83 -19.48 2.56
C ILE A 56 13.37 -19.64 1.11
N LYS A 57 12.13 -20.14 0.95
CA LYS A 57 11.53 -20.39 -0.37
C LYS A 57 11.40 -19.09 -1.15
N THR A 58 11.00 -18.03 -0.43
CA THR A 58 10.91 -16.71 -1.02
C THR A 58 12.24 -16.15 -1.45
N VAL A 59 13.29 -16.31 -0.66
CA VAL A 59 14.67 -16.04 -1.14
C VAL A 59 15.01 -16.88 -2.38
N GLU A 60 14.80 -18.20 -2.32
CA GLU A 60 15.03 -19.04 -3.50
C GLU A 60 14.29 -18.51 -4.71
N PHE A 61 13.09 -17.96 -4.48
CA PHE A 61 12.27 -17.52 -5.58
C PHE A 61 12.92 -16.33 -6.23
N ALA A 62 13.39 -15.41 -5.38
CA ALA A 62 14.05 -14.21 -5.78
C ALA A 62 15.31 -14.47 -6.59
N LYS A 63 16.09 -15.46 -6.17
CA LYS A 63 17.41 -15.71 -6.79
C LYS A 63 17.24 -16.19 -8.22
N GLN A 64 16.09 -16.76 -8.53
CA GLN A 64 15.83 -17.30 -9.83
C GLN A 64 15.21 -16.27 -10.74
N LEU A 65 15.10 -15.03 -10.24
CA LEU A 65 14.52 -14.00 -11.06
C LEU A 65 15.57 -13.33 -11.95
N PRO A 66 15.28 -13.22 -13.25
CA PRO A 66 16.22 -12.59 -14.16
C PRO A 66 16.83 -11.35 -13.55
N GLY A 67 18.15 -11.38 -13.39
CA GLY A 67 18.90 -10.16 -13.12
C GLY A 67 19.00 -9.84 -11.65
N PHE A 68 18.16 -10.48 -10.82
CA PHE A 68 18.18 -10.20 -9.39
C PHE A 68 19.54 -10.40 -8.71
N THR A 69 20.23 -11.48 -9.09
CA THR A 69 21.55 -11.82 -8.53
C THR A 69 22.69 -10.90 -9.07
N THR A 70 22.41 -10.12 -10.10
CA THR A 70 23.38 -9.14 -10.56
C THR A 70 23.38 -7.89 -9.67
N LEU A 71 22.30 -7.66 -8.92
CA LEU A 71 22.25 -6.52 -8.01
C LEU A 71 23.27 -6.75 -6.90
N THR A 72 23.76 -5.68 -6.26
CA THR A 72 24.67 -5.87 -5.11
C THR A 72 24.02 -6.72 -4.06
N ILE A 73 24.81 -7.39 -3.25
CA ILE A 73 24.19 -8.19 -2.22
C ILE A 73 23.35 -7.25 -1.38
N ALA A 74 23.84 -6.04 -1.17
CA ALA A 74 23.21 -5.17 -0.21
C ALA A 74 21.82 -4.69 -0.69
N ASP A 75 21.73 -4.43 -1.99
CA ASP A 75 20.49 -4.18 -2.68
C ASP A 75 19.54 -5.38 -2.52
N GLN A 76 20.06 -6.57 -2.80
CA GLN A 76 19.28 -7.80 -2.77
C GLN A 76 18.63 -7.99 -1.37
N ILE A 77 19.38 -7.65 -0.32
CA ILE A 77 18.86 -7.73 1.00
C ILE A 77 17.81 -6.63 1.19
N THR A 78 18.16 -5.41 0.79
CA THR A 78 17.27 -4.25 0.93
C THR A 78 15.89 -4.55 0.31
N LEU A 79 15.88 -5.06 -0.92
CA LEU A 79 14.64 -5.39 -1.65
C LEU A 79 13.86 -6.48 -0.93
N LEU A 80 14.58 -7.52 -0.54
CA LEU A 80 13.99 -8.62 0.20
C LEU A 80 13.37 -8.24 1.54
N LYS A 81 14.12 -7.62 2.41
CA LYS A 81 13.56 -7.26 3.66
C LYS A 81 12.34 -6.43 3.43
N ALA A 82 12.36 -5.64 2.39
CA ALA A 82 11.22 -4.75 2.14
C ALA A 82 9.90 -5.44 1.69
N ALA A 83 9.98 -6.48 0.87
CA ALA A 83 8.80 -6.99 0.16
C ALA A 83 8.37 -8.36 0.64
N CYS A 84 9.17 -8.96 1.49
CA CYS A 84 9.08 -10.37 1.81
C CYS A 84 7.85 -10.73 2.59
N LEU A 85 7.39 -9.78 3.39
CA LEU A 85 6.20 -10.07 4.15
C LEU A 85 5.05 -10.09 3.17
N ASP A 86 5.04 -9.10 2.30
CA ASP A 86 4.02 -8.95 1.29
C ASP A 86 3.88 -10.23 0.49
N ILE A 87 5.01 -10.80 0.13
CA ILE A 87 5.02 -11.94 -0.73
C ILE A 87 4.44 -13.14 -0.03
N LEU A 88 4.75 -13.27 1.25
CA LEU A 88 4.28 -14.39 2.02
C LEU A 88 2.77 -14.31 2.27
N ILE A 89 2.23 -13.10 2.31
CA ILE A 89 0.80 -12.87 2.48
C ILE A 89 0.09 -13.24 1.21
N LEU A 90 0.59 -12.73 0.07
CA LEU A 90 0.09 -13.14 -1.24
C LEU A 90 0.11 -14.68 -1.38
N ARG A 91 1.27 -15.25 -1.13
CA ARG A 91 1.51 -16.66 -1.28
C ARG A 91 0.50 -17.46 -0.52
N ILE A 92 0.42 -17.24 0.80
CA ILE A 92 -0.55 -17.96 1.62
C ILE A 92 -2.01 -17.72 1.18
N CYS A 93 -2.31 -16.55 0.61
CA CYS A 93 -3.69 -16.23 0.22
C CYS A 93 -4.06 -16.90 -1.09
N THR A 94 -3.06 -17.41 -1.78
CA THR A 94 -3.22 -18.15 -3.01
C THR A 94 -3.59 -19.58 -2.64
N ARG A 95 -3.48 -19.90 -1.34
CA ARG A 95 -3.79 -21.21 -0.79
C ARG A 95 -5.10 -21.23 0.04
N TYR A 96 -5.99 -20.30 -0.22
CA TYR A 96 -7.27 -20.21 0.48
C TYR A 96 -8.34 -21.14 -0.09
N THR A 97 -9.04 -21.87 0.78
CA THR A 97 -10.20 -22.68 0.39
C THR A 97 -11.52 -22.07 0.91
N PRO A 98 -12.25 -21.32 0.05
CA PRO A 98 -13.48 -20.62 0.46
C PRO A 98 -14.46 -21.53 1.25
N GLU A 99 -14.88 -22.64 0.65
CA GLU A 99 -15.74 -23.62 1.33
C GLU A 99 -15.40 -23.87 2.82
N GLN A 100 -14.16 -24.25 3.10
CA GLN A 100 -13.76 -24.55 4.46
C GLN A 100 -13.33 -23.29 5.22
N ASP A 101 -13.22 -22.18 4.49
CA ASP A 101 -12.62 -20.96 5.03
C ASP A 101 -11.29 -21.32 5.67
N THR A 102 -10.35 -21.83 4.88
CA THR A 102 -9.07 -22.31 5.41
C THR A 102 -7.87 -21.82 4.60
N MET A 103 -6.68 -22.08 5.09
CA MET A 103 -5.47 -21.84 4.30
C MET A 103 -4.48 -22.93 4.53
N THR A 104 -3.85 -23.32 3.45
CA THR A 104 -2.96 -24.43 3.50
C THR A 104 -1.47 -24.10 3.30
N PHE A 105 -0.70 -24.42 4.31
CA PHE A 105 0.74 -24.30 4.28
C PHE A 105 1.42 -25.34 3.37
N SER A 106 2.69 -25.11 2.98
CA SER A 106 3.39 -25.86 1.97
C SER A 106 3.66 -27.30 2.40
N ASP A 107 3.48 -27.60 3.67
CA ASP A 107 3.67 -28.99 4.13
C ASP A 107 2.32 -29.74 4.24
N GLY A 108 1.20 -29.01 4.25
CA GLY A 108 -0.11 -29.60 4.09
C GLY A 108 -0.97 -28.99 5.14
N LEU A 109 -0.32 -28.32 6.08
CA LEU A 109 -1.01 -27.85 7.24
C LEU A 109 -2.12 -26.89 6.85
N THR A 110 -3.34 -27.19 7.28
CA THR A 110 -4.53 -26.51 6.79
C THR A 110 -5.31 -25.97 7.94
N LEU A 111 -5.25 -24.65 8.12
CA LEU A 111 -5.83 -23.98 9.26
C LEU A 111 -7.06 -23.21 8.88
N ASN A 112 -8.12 -23.32 9.70
CA ASN A 112 -9.30 -22.44 9.50
C ASN A 112 -9.00 -21.05 10.03
N ARG A 113 -9.92 -20.13 9.92
CA ARG A 113 -9.71 -18.78 10.37
C ARG A 113 -9.38 -18.63 11.86
N THR A 114 -10.16 -19.21 12.75
CA THR A 114 -9.87 -19.05 14.16
C THR A 114 -8.44 -19.48 14.50
N GLN A 115 -8.08 -20.67 14.06
CA GLN A 115 -6.71 -21.18 14.19
C GLN A 115 -5.64 -20.24 13.63
N MET A 116 -5.89 -19.65 12.47
CA MET A 116 -4.95 -18.67 11.90
C MET A 116 -4.76 -17.50 12.86
N HIS A 117 -5.86 -17.01 13.37
CA HIS A 117 -5.85 -15.96 14.38
C HIS A 117 -4.98 -16.32 15.55
N ASN A 118 -5.17 -17.53 16.05
CA ASN A 118 -4.53 -17.98 17.27
C ASN A 118 -3.09 -18.40 17.11
N ALA A 119 -2.61 -18.45 15.86
CA ALA A 119 -1.21 -18.79 15.67
C ALA A 119 -0.42 -17.51 15.53
N GLY A 120 -1.13 -16.39 15.49
CA GLY A 120 -0.45 -15.13 15.66
C GLY A 120 -0.84 -14.06 14.69
N PHE A 121 -1.83 -14.34 13.84
CA PHE A 121 -2.30 -13.29 12.97
C PHE A 121 -3.14 -12.29 13.76
N GLY A 122 -3.83 -12.77 14.80
CA GLY A 122 -4.53 -11.88 15.71
C GLY A 122 -5.34 -10.85 14.95
N PRO A 123 -5.08 -9.54 15.20
CA PRO A 123 -5.79 -8.46 14.49
C PRO A 123 -5.80 -8.56 12.96
N LEU A 124 -4.75 -9.10 12.37
CA LEU A 124 -4.62 -9.13 10.91
C LEU A 124 -5.46 -10.23 10.25
N THR A 125 -5.82 -11.23 11.04
CA THR A 125 -6.60 -12.33 10.52
C THR A 125 -7.66 -11.86 9.52
N ASP A 126 -8.56 -10.94 9.90
CA ASP A 126 -9.68 -10.66 9.01
C ASP A 126 -9.25 -10.02 7.73
N LEU A 127 -8.24 -9.16 7.81
CA LEU A 127 -7.76 -8.48 6.60
C LEU A 127 -7.15 -9.50 5.65
N VAL A 128 -6.42 -10.47 6.19
CA VAL A 128 -5.81 -11.47 5.32
C VAL A 128 -6.89 -12.24 4.58
N PHE A 129 -7.87 -12.70 5.35
CA PHE A 129 -9.00 -13.41 4.81
C PHE A 129 -9.78 -12.62 3.80
N ALA A 130 -9.97 -11.33 4.01
CA ALA A 130 -10.71 -10.54 3.03
C ALA A 130 -9.96 -10.47 1.70
N PHE A 131 -8.67 -10.22 1.81
CA PHE A 131 -7.79 -10.14 0.67
C PHE A 131 -7.80 -11.43 -0.15
N ALA A 132 -7.65 -12.57 0.53
CA ALA A 132 -7.77 -13.89 -0.08
C ALA A 132 -9.08 -14.05 -0.86
N ASN A 133 -10.21 -13.55 -0.34
CA ASN A 133 -11.52 -13.63 -1.03
C ASN A 133 -11.58 -12.69 -2.22
N GLN A 134 -11.01 -11.51 -2.04
CA GLN A 134 -10.90 -10.59 -3.16
C GLN A 134 -9.96 -11.04 -4.29
N LEU A 135 -9.14 -12.08 -4.06
CA LEU A 135 -8.28 -12.64 -5.12
C LEU A 135 -9.02 -13.52 -6.11
N LEU A 136 -10.04 -14.22 -5.59
CA LEU A 136 -10.73 -15.29 -6.29
C LEU A 136 -11.24 -14.80 -7.64
N PRO A 137 -11.97 -13.67 -7.66
CA PRO A 137 -12.47 -13.13 -8.95
C PRO A 137 -11.37 -12.91 -9.98
N LEU A 138 -10.15 -12.60 -9.52
CA LEU A 138 -9.01 -12.40 -10.41
C LEU A 138 -8.55 -13.65 -11.12
N GLU A 139 -8.79 -14.81 -10.51
CA GLU A 139 -8.44 -16.11 -11.11
C GLU A 139 -6.98 -16.22 -11.54
N MET A 140 -6.06 -15.91 -10.64
CA MET A 140 -4.69 -15.83 -11.06
C MET A 140 -3.99 -17.18 -11.08
N ASP A 141 -3.10 -17.37 -12.02
CA ASP A 141 -2.35 -18.61 -12.02
C ASP A 141 -0.93 -18.30 -11.55
N ASP A 142 -0.02 -19.23 -11.76
CA ASP A 142 1.34 -19.15 -11.27
C ASP A 142 2.16 -18.05 -11.90
N ALA A 143 1.98 -17.84 -13.18
CA ALA A 143 2.76 -16.82 -13.83
C ALA A 143 2.28 -15.47 -13.32
N GLU A 144 0.99 -15.29 -13.10
CA GLU A 144 0.54 -14.00 -12.61
C GLU A 144 0.94 -13.73 -11.15
N THR A 145 0.96 -14.77 -10.35
CA THR A 145 1.22 -14.63 -8.94
C THR A 145 2.70 -14.43 -8.81
N GLY A 146 3.45 -15.04 -9.70
CA GLY A 146 4.88 -14.94 -9.70
C GLY A 146 5.26 -13.56 -10.15
N LEU A 147 4.66 -13.09 -11.25
CA LEU A 147 4.95 -11.76 -11.76
C LEU A 147 4.59 -10.69 -10.77
N LEU A 148 3.40 -10.78 -10.24
CA LEU A 148 2.97 -9.84 -9.25
C LEU A 148 3.95 -9.79 -8.08
N SER A 149 4.40 -10.95 -7.59
CA SER A 149 5.47 -10.96 -6.54
C SER A 149 6.78 -10.32 -6.98
N ALA A 150 7.14 -10.47 -8.26
CA ALA A 150 8.41 -9.98 -8.73
C ALA A 150 8.36 -8.50 -8.82
N ILE A 151 7.17 -8.00 -9.09
CA ILE A 151 6.98 -6.59 -9.22
C ILE A 151 7.02 -5.88 -7.84
N CYS A 152 6.43 -6.52 -6.82
CA CYS A 152 6.40 -5.98 -5.47
C CYS A 152 7.84 -5.96 -5.08
N LEU A 153 8.54 -7.06 -5.33
CA LEU A 153 9.96 -7.22 -4.94
C LEU A 153 10.92 -6.25 -5.60
N ILE A 154 10.91 -6.21 -6.93
CA ILE A 154 11.83 -5.37 -7.66
C ILE A 154 11.28 -3.94 -7.74
N CYS A 155 11.45 -3.22 -6.65
CA CYS A 155 10.95 -1.86 -6.52
C CYS A 155 12.09 -0.82 -6.44
N GLY A 156 12.20 0.04 -7.45
CA GLY A 156 13.21 1.10 -7.48
C GLY A 156 13.21 2.11 -6.33
N ASP A 157 12.09 2.24 -5.63
CA ASP A 157 11.92 3.29 -4.65
C ASP A 157 12.25 2.91 -3.23
N ARG A 158 12.69 1.69 -2.98
CA ARG A 158 13.17 1.39 -1.62
C ARG A 158 14.18 2.40 -1.08
N GLN A 159 14.05 2.71 0.22
CA GLN A 159 15.02 3.50 0.94
C GLN A 159 16.37 2.75 0.97
N ASP A 160 17.47 3.47 0.76
CA ASP A 160 18.84 2.95 0.97
C ASP A 160 19.32 2.05 -0.14
N LEU A 161 18.55 1.92 -1.20
CA LEU A 161 19.02 1.20 -2.35
C LEU A 161 20.25 1.89 -2.93
N GLU A 162 21.30 1.10 -3.14
CA GLU A 162 22.51 1.58 -3.77
C GLU A 162 22.39 1.78 -5.29
N GLN A 163 21.55 1.00 -5.97
CA GLN A 163 21.36 1.21 -7.42
C GLN A 163 19.91 1.32 -7.84
N PRO A 164 19.24 2.37 -7.38
CA PRO A 164 17.80 2.49 -7.64
C PRO A 164 17.54 2.37 -9.13
N ASP A 165 18.54 2.79 -9.91
CA ASP A 165 18.35 3.01 -11.32
C ASP A 165 18.32 1.74 -12.06
N ARG A 166 19.15 0.84 -11.57
CA ARG A 166 19.25 -0.48 -12.12
C ARG A 166 18.04 -1.34 -11.71
N VAL A 167 17.59 -1.24 -10.45
CA VAL A 167 16.37 -1.92 -9.98
C VAL A 167 15.17 -1.58 -10.85
N ASP A 168 15.05 -0.30 -11.19
CA ASP A 168 14.00 0.17 -12.05
C ASP A 168 14.08 -0.43 -13.43
N MET A 169 15.30 -0.68 -13.90
CA MET A 169 15.47 -1.21 -15.25
C MET A 169 14.96 -2.63 -15.25
N LEU A 170 15.21 -3.32 -14.14
CA LEU A 170 14.77 -4.70 -13.97
C LEU A 170 13.27 -4.85 -13.93
N GLN A 171 12.60 -3.89 -13.31
CA GLN A 171 11.22 -4.04 -13.03
C GLN A 171 10.44 -3.78 -14.27
N GLU A 172 11.02 -3.09 -15.24
CA GLU A 172 10.21 -2.72 -16.44
C GLU A 172 9.74 -3.90 -17.32
N PRO A 173 10.65 -4.81 -17.69
CA PRO A 173 10.14 -5.95 -18.43
C PRO A 173 9.13 -6.77 -17.61
N LEU A 174 9.19 -6.74 -16.28
CA LEU A 174 8.28 -7.53 -15.51
C LEU A 174 6.84 -7.00 -15.70
N LEU A 175 6.68 -5.69 -15.55
CA LEU A 175 5.41 -4.98 -15.71
C LEU A 175 4.79 -5.23 -17.06
N GLU A 176 5.65 -5.22 -18.06
CA GLU A 176 5.21 -5.39 -19.40
C GLU A 176 4.73 -6.82 -19.58
N ALA A 177 5.59 -7.75 -19.13
CA ALA A 177 5.32 -9.17 -19.29
C ALA A 177 3.95 -9.48 -18.67
N LEU A 178 3.69 -8.93 -17.49
CA LEU A 178 2.39 -9.10 -16.87
C LEU A 178 1.26 -8.48 -17.68
N LYS A 179 1.48 -7.29 -18.23
CA LYS A 179 0.47 -6.59 -19.00
C LYS A 179 0.01 -7.47 -20.12
N VAL A 180 0.97 -8.01 -20.87
CA VAL A 180 0.67 -8.71 -22.11
C VAL A 180 0.09 -10.07 -21.75
N TYR A 181 0.59 -10.66 -20.66
CA TYR A 181 0.11 -11.94 -20.20
C TYR A 181 -1.35 -11.92 -19.79
N VAL A 182 -1.72 -10.87 -19.08
CA VAL A 182 -3.07 -10.71 -18.57
C VAL A 182 -4.02 -10.39 -19.69
N ARG A 183 -3.50 -9.71 -20.72
CA ARG A 183 -4.31 -9.36 -21.85
C ARG A 183 -4.64 -10.58 -22.69
N LYS A 184 -3.62 -11.39 -22.94
CA LYS A 184 -3.81 -12.70 -23.55
C LYS A 184 -4.93 -13.49 -22.87
N ARG A 185 -4.76 -13.75 -21.58
CA ARG A 185 -5.68 -14.62 -20.90
C ARG A 185 -7.05 -13.97 -20.72
N ARG A 186 -7.11 -12.65 -20.61
CA ARG A 186 -8.38 -11.95 -20.39
C ARG A 186 -8.51 -10.72 -21.32
N PRO A 187 -8.82 -10.99 -22.62
CA PRO A 187 -8.99 -9.88 -23.56
C PRO A 187 -10.28 -9.09 -23.27
N SER A 188 -11.35 -9.79 -22.90
CA SER A 188 -12.63 -9.19 -22.53
C SER A 188 -12.50 -8.04 -21.51
N ARG A 189 -11.43 -8.04 -20.71
CA ARG A 189 -11.34 -7.18 -19.53
C ARG A 189 -10.00 -6.41 -19.45
N PRO A 190 -10.02 -5.11 -19.78
CA PRO A 190 -8.78 -4.36 -20.00
C PRO A 190 -8.15 -3.78 -18.73
N HIS A 191 -8.93 -3.60 -17.67
CA HIS A 191 -8.40 -2.97 -16.49
C HIS A 191 -8.19 -4.01 -15.45
N MET A 192 -7.86 -5.20 -15.93
CA MET A 192 -7.54 -6.31 -15.09
C MET A 192 -6.07 -6.24 -14.67
N PHE A 193 -5.20 -5.82 -15.59
CA PHE A 193 -3.78 -5.61 -15.26
C PHE A 193 -3.68 -4.57 -14.13
N PRO A 194 -4.31 -3.39 -14.31
CA PRO A 194 -4.24 -2.46 -13.18
C PRO A 194 -4.92 -3.02 -11.93
N LYS A 195 -6.03 -3.75 -12.08
CA LYS A 195 -6.71 -4.30 -10.92
C LYS A 195 -5.75 -5.13 -10.10
N MET A 196 -4.99 -5.97 -10.80
CA MET A 196 -3.89 -6.74 -10.22
C MET A 196 -2.81 -5.92 -9.54
N LEU A 197 -2.18 -4.99 -10.27
CA LEU A 197 -1.21 -4.08 -9.66
C LEU A 197 -1.62 -3.48 -8.30
N MET A 198 -2.89 -3.11 -8.24
CA MET A 198 -3.45 -2.44 -7.10
C MET A 198 -3.57 -3.36 -5.93
N LYS A 199 -3.43 -4.67 -6.17
CA LYS A 199 -3.45 -5.63 -5.10
C LYS A 199 -2.22 -5.50 -4.25
N ILE A 200 -1.10 -5.10 -4.88
CA ILE A 200 0.08 -4.83 -4.08
C ILE A 200 -0.21 -3.82 -2.94
N THR A 201 -1.07 -2.85 -3.24
CA THR A 201 -1.49 -1.87 -2.22
C THR A 201 -2.21 -2.46 -1.03
N ASP A 202 -3.06 -3.47 -1.27
CA ASP A 202 -3.71 -4.16 -0.14
C ASP A 202 -2.70 -4.97 0.69
N LEU A 203 -1.75 -5.62 0.01
CA LEU A 203 -0.60 -6.29 0.65
C LEU A 203 0.15 -5.33 1.54
N ARG A 204 0.41 -4.13 1.04
CA ARG A 204 1.09 -3.11 1.83
C ARG A 204 0.37 -2.70 3.09
N SER A 205 -0.91 -2.40 2.91
CA SER A 205 -1.82 -2.06 3.99
C SER A 205 -1.83 -3.09 5.08
N ILE A 206 -1.79 -4.36 4.72
CA ILE A 206 -1.67 -5.42 5.71
C ILE A 206 -0.23 -5.58 6.25
N SER A 207 0.78 -5.62 5.38
CA SER A 207 2.15 -5.87 5.91
C SER A 207 2.68 -4.74 6.80
N ALA A 208 2.34 -3.50 6.46
CA ALA A 208 2.59 -2.33 7.29
C ALA A 208 2.09 -2.49 8.75
N LYS A 209 0.94 -3.14 8.94
CA LYS A 209 0.48 -3.41 10.30
C LYS A 209 1.35 -4.46 10.97
N GLY A 210 2.43 -4.82 10.29
CA GLY A 210 3.25 -5.96 10.67
C GLY A 210 4.03 -5.76 11.94
N ALA A 211 4.85 -4.70 11.96
CA ALA A 211 5.79 -4.46 13.07
C ALA A 211 5.10 -4.30 14.43
N GLU A 212 4.00 -3.53 14.43
CA GLU A 212 3.15 -3.44 15.60
C GLU A 212 2.53 -4.76 16.07
N ARG A 213 2.29 -5.71 15.18
CA ARG A 213 1.88 -7.03 15.69
C ARG A 213 3.08 -7.78 16.25
N VAL A 214 4.26 -7.53 15.68
CA VAL A 214 5.48 -8.20 16.11
C VAL A 214 5.75 -7.87 17.55
N ILE A 215 5.44 -6.63 17.92
CA ILE A 215 5.66 -6.19 19.30
C ILE A 215 4.70 -6.90 20.26
N THR A 216 3.39 -6.75 20.07
CA THR A 216 2.38 -7.31 21.00
C THR A 216 2.43 -8.84 21.05
N LEU A 217 3.26 -9.39 20.18
CA LEU A 217 3.32 -10.82 20.00
C LEU A 217 4.52 -11.27 20.79
N LYS A 218 5.66 -10.59 20.58
CA LYS A 218 6.92 -10.89 21.27
C LYS A 218 6.65 -11.08 22.75
N MET A 219 5.54 -10.47 23.17
CA MET A 219 5.14 -10.48 24.55
C MET A 219 4.60 -11.87 24.92
N GLU A 220 3.55 -12.31 24.26
CA GLU A 220 2.85 -13.56 24.63
C GLU A 220 3.48 -14.88 24.14
N ILE A 221 4.66 -14.81 23.55
CA ILE A 221 5.38 -16.01 23.17
C ILE A 221 6.43 -16.35 24.21
N PRO A 222 6.89 -17.61 24.24
CA PRO A 222 7.83 -18.00 25.27
C PRO A 222 9.23 -17.45 24.98
N GLY A 223 9.93 -18.03 24.00
CA GLY A 223 11.29 -17.64 23.65
C GLY A 223 11.33 -16.31 22.92
N SER A 224 11.84 -16.35 21.70
CA SER A 224 11.92 -15.15 20.85
C SER A 224 11.85 -15.56 19.37
N MET A 225 11.60 -14.59 18.47
CA MET A 225 11.48 -14.89 17.03
C MET A 225 12.61 -15.79 16.56
N PRO A 226 12.28 -16.88 15.86
CA PRO A 226 13.31 -17.69 15.18
C PRO A 226 14.28 -16.77 14.42
N PRO A 227 15.61 -17.04 14.45
CA PRO A 227 16.57 -16.03 13.98
C PRO A 227 16.26 -15.39 12.60
N LEU A 228 15.96 -16.24 11.59
CA LEU A 228 15.76 -15.77 10.20
C LEU A 228 14.61 -14.79 10.08
N ILE A 229 13.52 -15.11 10.73
CA ILE A 229 12.40 -14.23 10.81
C ILE A 229 12.77 -12.94 11.47
N GLN A 230 13.67 -13.01 12.43
CA GLN A 230 14.22 -11.79 13.03
C GLN A 230 14.89 -10.98 11.96
N GLU A 231 15.72 -11.64 11.13
CA GLU A 231 16.45 -10.90 10.10
C GLU A 231 15.58 -10.09 9.12
N MET A 232 14.38 -10.62 8.79
CA MET A 232 13.45 -10.00 7.79
C MET A 232 12.62 -8.78 8.20
N LEU A 233 12.39 -8.60 9.50
CA LEU A 233 11.61 -7.46 10.00
C LEU A 233 12.50 -6.48 10.74
N GLU A 234 13.56 -7.05 11.30
CA GLU A 234 14.31 -6.42 12.37
C GLU A 234 15.76 -6.24 11.91
N LYS B 1 28.07 -13.68 5.98
CA LYS B 1 28.05 -13.97 7.45
C LYS B 1 26.77 -13.49 8.22
N SER B 2 25.60 -13.65 7.58
CA SER B 2 24.25 -13.47 8.19
C SER B 2 23.29 -14.43 7.46
N LEU B 3 22.42 -15.13 8.20
CA LEU B 3 21.38 -16.00 7.61
C LEU B 3 21.04 -15.62 6.19
N LEU B 4 20.71 -14.33 6.03
CA LEU B 4 20.24 -13.80 4.78
C LEU B 4 21.33 -13.83 3.73
N GLN B 5 22.51 -13.40 4.15
CA GLN B 5 23.69 -13.39 3.30
C GLN B 5 24.19 -14.77 2.90
N GLN B 6 24.21 -15.70 3.86
CA GLN B 6 24.53 -17.09 3.56
C GLN B 6 23.54 -17.61 2.53
N LEU B 7 22.25 -17.35 2.79
CA LEU B 7 21.18 -17.71 1.86
C LEU B 7 21.42 -17.16 0.47
N LEU B 8 22.08 -16.01 0.42
CA LEU B 8 22.23 -15.28 -0.83
C LEU B 8 23.51 -15.55 -1.59
N THR B 9 24.48 -16.20 -0.95
CA THR B 9 25.78 -16.43 -1.59
C THR B 9 25.96 -17.89 -1.99
N GLU B 10 25.46 -18.80 -1.14
CA GLU B 10 25.51 -20.26 -1.39
C GLU B 10 25.24 -20.60 -2.86
N PRO C 1 -13.56 10.21 -26.26
CA PRO C 1 -14.92 10.73 -26.41
C PRO C 1 -15.47 11.34 -25.10
N GLU C 2 -16.16 10.48 -24.35
CA GLU C 2 -16.72 10.79 -23.05
C GLU C 2 -15.62 10.66 -21.97
N VAL C 3 -14.39 10.40 -22.42
CA VAL C 3 -13.22 10.28 -21.56
C VAL C 3 -12.58 11.64 -21.39
N GLY C 4 -12.66 12.45 -22.45
CA GLY C 4 -12.14 13.81 -22.41
C GLY C 4 -12.88 14.70 -21.42
N GLU C 5 -14.19 14.46 -21.29
CA GLU C 5 -15.04 15.21 -20.35
C GLU C 5 -14.71 14.88 -18.90
N LEU C 6 -14.39 13.61 -18.67
CA LEU C 6 -14.11 13.09 -17.33
C LEU C 6 -12.78 13.60 -16.79
N ILE C 7 -11.75 13.58 -17.63
CA ILE C 7 -10.43 14.08 -17.28
C ILE C 7 -10.58 15.53 -16.87
N GLU C 8 -11.35 16.26 -17.66
CA GLU C 8 -11.64 17.67 -17.41
C GLU C 8 -12.41 17.94 -16.12
N LYS C 9 -13.48 17.17 -15.91
CA LYS C 9 -14.33 17.33 -14.75
C LYS C 9 -13.53 17.07 -13.48
N VAL C 10 -12.55 16.17 -13.61
CA VAL C 10 -11.79 15.71 -12.46
C VAL C 10 -10.61 16.64 -12.26
N ARG C 11 -10.00 17.12 -13.33
CA ARG C 11 -9.01 18.18 -13.15
C ARG C 11 -9.58 19.42 -12.42
N LYS C 12 -10.81 19.81 -12.76
CA LYS C 12 -11.40 20.99 -12.12
C LYS C 12 -11.66 20.69 -10.66
N ALA C 13 -12.20 19.51 -10.35
CA ALA C 13 -12.50 19.15 -8.96
C ALA C 13 -11.28 19.36 -8.04
N HIS C 14 -10.12 18.94 -8.53
CA HIS C 14 -8.83 19.15 -7.87
C HIS C 14 -8.36 20.60 -7.89
N GLN C 15 -8.35 21.24 -9.06
CA GLN C 15 -7.98 22.68 -9.12
C GLN C 15 -8.74 23.55 -8.13
N GLU C 16 -10.07 23.43 -8.10
CA GLU C 16 -10.92 24.26 -7.26
C GLU C 16 -10.86 23.97 -5.78
N THR C 17 -10.61 22.72 -5.41
CA THR C 17 -10.41 22.40 -3.99
C THR C 17 -8.91 22.26 -3.61
N PHE C 18 -7.99 22.54 -4.52
CA PHE C 18 -6.60 22.49 -4.10
C PHE C 18 -5.61 23.36 -4.93
N PRO C 19 -5.47 24.63 -4.55
CA PRO C 19 -4.66 25.60 -5.26
C PRO C 19 -3.21 25.16 -5.50
N ALA C 20 -2.67 25.55 -6.64
CA ALA C 20 -1.34 25.15 -6.97
C ALA C 20 -0.41 25.98 -6.13
N LEU C 21 0.79 25.45 -5.92
CA LEU C 21 1.87 26.14 -5.24
C LEU C 21 2.00 27.61 -5.72
N CYS C 22 2.03 27.84 -7.03
CA CYS C 22 2.27 29.19 -7.54
C CYS C 22 1.11 30.19 -7.37
N GLN C 23 -0.04 29.72 -6.92
CA GLN C 23 -1.15 30.61 -6.61
C GLN C 23 -1.18 31.08 -5.16
N LEU C 24 -0.20 30.71 -4.36
CA LEU C 24 -0.28 31.00 -2.93
C LEU C 24 0.76 32.02 -2.58
N GLY C 25 0.48 32.81 -1.54
CA GLY C 25 1.51 33.66 -0.96
C GLY C 25 2.24 32.89 0.10
N LYS C 26 3.47 32.47 -0.18
CA LYS C 26 4.23 31.67 0.78
C LYS C 26 4.72 32.51 1.93
N TYR C 27 4.86 31.90 3.09
CA TYR C 27 5.42 32.58 4.24
C TYR C 27 5.86 31.54 5.26
N THR C 28 6.67 31.94 6.23
CA THR C 28 7.36 30.99 7.10
C THR C 28 7.14 31.30 8.59
N THR C 29 8.09 30.92 9.42
CA THR C 29 8.04 31.12 10.88
C THR C 29 9.34 30.54 11.46
N ASN C 30 9.75 30.99 12.65
CA ASN C 30 11.07 30.64 13.20
C ASN C 30 11.08 29.58 14.27
N ASN C 31 9.89 29.06 14.55
CA ASN C 31 9.70 27.83 15.29
C ASN C 31 10.67 26.71 14.94
N SER C 32 11.44 26.26 15.93
CA SER C 32 12.30 25.06 15.87
C SER C 32 12.80 24.75 14.45
N SER C 33 13.35 25.77 13.80
CA SER C 33 13.77 25.63 12.42
C SER C 33 14.96 24.67 12.35
N GLU C 34 15.48 24.30 13.54
CA GLU C 34 16.83 23.73 13.70
C GLU C 34 16.95 22.29 14.20
N GLN C 35 16.44 22.05 15.41
CA GLN C 35 16.67 20.79 16.11
C GLN C 35 15.33 20.06 16.24
N ARG C 36 15.33 18.78 15.94
CA ARG C 36 14.08 18.03 16.00
C ARG C 36 13.62 17.84 17.44
N VAL C 37 12.43 18.35 17.78
CA VAL C 37 11.83 18.09 19.11
C VAL C 37 10.83 16.97 18.98
N SER C 38 10.37 16.42 20.09
CA SER C 38 9.21 15.54 20.07
C SER C 38 7.98 16.21 19.38
N LEU C 39 7.57 17.39 19.87
CA LEU C 39 6.39 18.09 19.37
C LEU C 39 6.40 19.56 19.76
N ASP C 40 6.55 20.45 18.78
CA ASP C 40 6.36 21.87 18.98
C ASP C 40 4.87 22.20 18.92
N ILE C 41 4.32 22.68 20.02
CA ILE C 41 2.89 22.84 20.12
C ILE C 41 2.34 23.98 19.22
N ASP C 42 3.17 24.94 18.83
CA ASP C 42 2.71 26.02 17.96
C ASP C 42 2.54 25.59 16.53
N LEU C 43 3.53 24.83 16.04
CA LEU C 43 3.43 24.12 14.76
C LEU C 43 2.23 23.15 14.78
N TRP C 44 2.09 22.30 15.80
CA TRP C 44 0.89 21.47 15.93
C TRP C 44 -0.40 22.27 15.83
N ASP C 45 -0.49 23.37 16.56
CA ASP C 45 -1.70 24.17 16.53
C ASP C 45 -2.03 24.56 15.09
N LYS C 46 -1.08 25.24 14.46
CA LYS C 46 -1.25 25.79 13.14
C LYS C 46 -1.58 24.66 12.16
N PHE C 47 -0.75 23.61 12.18
CA PHE C 47 -0.91 22.44 11.32
C PHE C 47 -2.26 21.73 11.47
N SER C 48 -2.60 21.33 12.70
CA SER C 48 -3.80 20.53 12.95
C SER C 48 -5.03 21.31 12.50
N GLU C 49 -4.86 22.61 12.41
CA GLU C 49 -5.94 23.48 12.04
C GLU C 49 -6.10 23.57 10.51
N LEU C 50 -5.02 23.90 9.81
CA LEU C 50 -4.92 23.74 8.36
C LEU C 50 -5.48 22.40 7.88
N SER C 51 -5.29 21.37 8.69
CA SER C 51 -5.70 20.05 8.29
C SER C 51 -7.21 19.90 8.33
N THR C 52 -7.86 20.59 9.27
CA THR C 52 -9.32 20.51 9.33
C THR C 52 -9.86 21.01 8.01
N LYS C 53 -9.22 22.06 7.49
CA LYS C 53 -9.73 22.70 6.30
C LYS C 53 -9.53 21.71 5.15
N CYS C 54 -8.37 21.09 5.17
CA CYS C 54 -7.97 20.16 4.17
C CYS C 54 -8.94 19.10 3.93
N ILE C 55 -9.36 18.53 5.04
CA ILE C 55 -10.23 17.39 5.00
C ILE C 55 -11.55 17.84 4.40
N ILE C 56 -11.98 19.04 4.78
CA ILE C 56 -13.16 19.65 4.22
C ILE C 56 -13.00 19.80 2.70
N LYS C 57 -11.90 20.38 2.24
CA LYS C 57 -11.64 20.46 0.77
C LYS C 57 -11.63 19.07 0.09
N THR C 58 -11.28 18.05 0.86
CA THR C 58 -11.10 16.75 0.29
C THR C 58 -12.47 16.16 0.12
N VAL C 59 -13.34 16.38 1.08
CA VAL C 59 -14.75 16.05 0.91
C VAL C 59 -15.39 16.82 -0.22
N GLU C 60 -15.15 18.12 -0.26
CA GLU C 60 -15.66 18.90 -1.37
C GLU C 60 -15.17 18.30 -2.70
N PHE C 61 -13.87 18.04 -2.83
CA PHE C 61 -13.30 17.30 -3.95
C PHE C 61 -14.11 16.04 -4.27
N ALA C 62 -14.26 15.15 -3.32
CA ALA C 62 -15.03 13.96 -3.54
C ALA C 62 -16.42 14.25 -4.14
N LYS C 63 -17.22 15.12 -3.53
CA LYS C 63 -18.61 15.29 -3.99
C LYS C 63 -18.68 15.74 -5.42
N GLN C 64 -17.56 16.24 -5.92
CA GLN C 64 -17.50 16.78 -7.27
C GLN C 64 -17.04 15.76 -8.27
N LEU C 65 -16.86 14.53 -7.82
CA LEU C 65 -16.42 13.48 -8.71
C LEU C 65 -17.62 12.74 -9.28
N PRO C 66 -17.65 12.51 -10.62
CA PRO C 66 -18.79 11.90 -11.35
C PRO C 66 -19.24 10.61 -10.70
N GLY C 67 -20.50 10.59 -10.24
CA GLY C 67 -21.10 9.43 -9.58
C GLY C 67 -20.87 9.29 -8.08
N PHE C 68 -19.93 10.01 -7.51
CA PHE C 68 -19.68 9.81 -6.13
C PHE C 68 -20.96 9.94 -5.36
N THR C 69 -21.62 11.06 -5.53
CA THR C 69 -22.91 11.34 -4.86
C THR C 69 -24.08 10.36 -5.20
N THR C 70 -23.91 9.51 -6.19
CA THR C 70 -24.89 8.45 -6.39
C THR C 70 -24.78 7.28 -5.38
N LEU C 71 -23.64 7.12 -4.74
CA LEU C 71 -23.50 6.02 -3.79
C LEU C 71 -24.23 6.37 -2.52
N THR C 72 -24.52 5.39 -1.68
CA THR C 72 -25.19 5.67 -0.44
C THR C 72 -24.31 6.56 0.42
N ILE C 73 -24.94 7.29 1.33
CA ILE C 73 -24.22 8.15 2.24
C ILE C 73 -23.27 7.31 3.06
N ALA C 74 -23.70 6.09 3.40
CA ALA C 74 -22.90 5.21 4.23
C ALA C 74 -21.60 4.78 3.47
N ASP C 75 -21.73 4.64 2.15
CA ASP C 75 -20.69 4.19 1.25
C ASP C 75 -19.72 5.33 0.98
N GLN C 76 -20.28 6.53 0.93
CA GLN C 76 -19.48 7.70 0.73
C GLN C 76 -18.57 7.91 1.96
N ILE C 77 -19.10 7.66 3.15
CA ILE C 77 -18.31 7.82 4.35
C ILE C 77 -17.21 6.79 4.39
N THR C 78 -17.57 5.53 4.15
CA THR C 78 -16.63 4.44 4.26
C THR C 78 -15.45 4.69 3.34
N LEU C 79 -15.75 5.16 2.13
CA LEU C 79 -14.74 5.43 1.15
C LEU C 79 -13.88 6.54 1.65
N LEU C 80 -14.51 7.59 2.16
CA LEU C 80 -13.72 8.73 2.56
C LEU C 80 -12.85 8.40 3.76
N LYS C 81 -13.43 7.73 4.74
CA LYS C 81 -12.71 7.40 5.97
C LYS C 81 -11.57 6.41 5.73
N ALA C 82 -11.51 5.83 4.53
CA ALA C 82 -10.50 4.88 4.21
C ALA C 82 -9.35 5.48 3.38
N ALA C 83 -9.65 6.49 2.55
CA ALA C 83 -8.69 7.07 1.63
C ALA C 83 -8.26 8.50 2.05
N CYS C 84 -9.01 9.12 2.94
CA CYS C 84 -8.76 10.52 3.14
C CYS C 84 -7.34 10.92 3.56
N LEU C 85 -6.71 10.10 4.37
CA LEU C 85 -5.37 10.41 4.80
C LEU C 85 -4.42 10.32 3.61
N ASP C 86 -4.59 9.30 2.78
CA ASP C 86 -3.78 9.06 1.62
C ASP C 86 -3.76 10.23 0.67
N ILE C 87 -4.94 10.80 0.48
CA ILE C 87 -5.13 11.85 -0.46
C ILE C 87 -4.47 13.11 0.05
N LEU C 88 -4.40 13.25 1.37
CA LEU C 88 -3.85 14.47 1.95
C LEU C 88 -2.34 14.43 1.85
N ILE C 89 -1.77 13.25 2.03
CA ILE C 89 -0.36 13.03 1.93
C ILE C 89 0.03 13.34 0.48
N LEU C 90 -0.83 12.92 -0.47
CA LEU C 90 -0.59 13.16 -1.87
C LEU C 90 -0.71 14.65 -2.14
N ARG C 91 -1.80 15.24 -1.65
CA ARG C 91 -1.94 16.65 -1.74
C ARG C 91 -0.75 17.40 -1.25
N ILE C 92 -0.38 17.25 0.03
CA ILE C 92 0.75 18.02 0.56
C ILE C 92 2.07 17.79 -0.19
N CYS C 93 2.35 16.56 -0.64
CA CYS C 93 3.61 16.27 -1.34
C CYS C 93 3.66 16.93 -2.70
N THR C 94 2.49 17.20 -3.23
CA THR C 94 2.37 17.97 -4.47
C THR C 94 2.87 19.40 -4.23
N ARG C 95 3.02 19.80 -2.98
CA ARG C 95 3.44 21.16 -2.66
C ARG C 95 4.95 21.24 -2.24
N TYR C 96 5.75 20.25 -2.60
CA TYR C 96 7.15 20.18 -2.20
C TYR C 96 8.00 21.14 -3.00
N THR C 97 8.80 21.94 -2.33
CA THR C 97 9.84 22.75 -3.00
C THR C 97 11.25 22.15 -2.69
N PRO C 98 11.78 21.37 -3.62
CA PRO C 98 13.08 20.72 -3.39
C PRO C 98 14.17 21.68 -2.92
N GLU C 99 14.47 22.76 -3.66
CA GLU C 99 15.53 23.73 -3.26
C GLU C 99 15.53 24.09 -1.80
N GLN C 100 14.36 24.27 -1.20
CA GLN C 100 14.22 24.67 0.19
C GLN C 100 14.03 23.45 1.08
CA ASP C 101 13.18 21.44 1.12
C ASP C 101 11.98 21.60 2.03
N THR C 102 10.96 22.20 1.47
CA THR C 102 9.75 22.63 2.22
C THR C 102 8.45 22.13 1.62
N MET C 103 7.39 22.26 2.38
CA MET C 103 6.08 21.93 1.91
C MET C 103 5.20 23.03 2.35
N THR C 104 4.26 23.40 1.48
CA THR C 104 3.49 24.59 1.65
C THR C 104 2.06 24.25 1.78
N PHE C 105 1.44 24.80 2.82
CA PHE C 105 0.01 24.62 3.04
C PHE C 105 -0.87 25.60 2.23
N SER C 106 -2.18 25.38 2.24
CA SER C 106 -3.17 25.99 1.35
C SER C 106 -3.30 27.45 1.63
N ASP C 107 -2.86 27.87 2.81
CA ASP C 107 -2.91 29.27 3.19
C ASP C 107 -1.60 29.97 2.84
N GLY C 108 -0.55 29.19 2.58
CA GLY C 108 0.74 29.73 2.19
C GLY C 108 1.82 29.28 3.14
N LEU C 109 1.40 28.69 4.26
CA LEU C 109 2.31 28.30 5.30
C LEU C 109 3.26 27.27 4.75
N THR C 110 4.55 27.51 4.97
CA THR C 110 5.60 26.80 4.28
C THR C 110 6.62 26.32 5.32
N LEU C 111 6.68 25.01 5.54
CA LEU C 111 7.55 24.44 6.57
C LEU C 111 8.65 23.56 6.01
N ASN C 112 9.85 23.70 6.59
CA ASN C 112 10.96 22.81 6.23
C ASN C 112 10.75 21.44 6.89
N ARG C 113 11.69 20.54 6.71
CA ARG C 113 11.57 19.18 7.19
C ARG C 113 11.55 19.10 8.69
N THR C 114 12.51 19.75 9.33
CA THR C 114 12.52 19.82 10.80
C THR C 114 11.18 20.31 11.40
N GLN C 115 10.62 21.37 10.79
CA GLN C 115 9.32 21.88 11.24
C GLN C 115 8.16 20.93 10.95
N MET C 116 8.19 20.26 9.80
CA MET C 116 7.15 19.25 9.52
C MET C 116 7.13 18.16 10.60
N HIS C 117 8.30 17.63 10.90
CA HIS C 117 8.54 16.70 12.00
C HIS C 117 8.00 17.21 13.32
N ASN C 118 8.36 18.45 13.63
CA ASN C 118 7.98 19.01 14.90
C ASN C 118 6.49 19.39 14.95
N ALA C 119 5.79 19.32 13.81
CA ALA C 119 4.37 19.65 13.77
C ALA C 119 3.54 18.42 14.11
N GLY C 120 4.21 17.27 14.18
CA GLY C 120 3.54 16.02 14.55
C GLY C 120 3.75 14.89 13.57
N PHE C 121 4.50 15.12 12.49
CA PHE C 121 4.77 14.01 11.60
C PHE C 121 5.71 13.00 12.24
N GLY C 122 6.70 13.53 12.96
CA GLY C 122 7.70 12.72 13.68
C GLY C 122 8.31 11.69 12.75
N PRO C 123 8.28 10.43 13.16
CA PRO C 123 8.83 9.29 12.39
C PRO C 123 8.36 9.23 10.92
N LEU C 124 7.15 9.70 10.63
CA LEU C 124 6.63 9.65 9.27
C LEU C 124 7.33 10.62 8.35
N THR C 125 8.00 11.61 8.94
CA THR C 125 8.52 12.76 8.19
C THR C 125 9.43 12.36 7.05
N ASP C 126 10.47 11.55 7.33
CA ASP C 126 11.35 11.13 6.25
C ASP C 126 10.65 10.40 5.12
N LEU C 127 9.69 9.51 5.46
CA LEU C 127 8.87 8.82 4.47
C LEU C 127 8.14 9.78 3.57
N VAL C 128 7.50 10.80 4.17
CA VAL C 128 6.70 11.72 3.40
C VAL C 128 7.64 12.50 2.47
N PHE C 129 8.81 12.87 2.97
CA PHE C 129 9.78 13.60 2.13
C PHE C 129 10.35 12.76 0.99
N ALA C 130 10.71 11.52 1.28
CA ALA C 130 11.15 10.59 0.23
C ALA C 130 10.10 10.50 -0.88
N PHE C 131 8.83 10.37 -0.46
CA PHE C 131 7.71 10.30 -1.39
C PHE C 131 7.55 11.53 -2.24
N ALA C 132 7.48 12.69 -1.61
CA ALA C 132 7.43 13.90 -2.40
C ALA C 132 8.60 13.98 -3.36
N ASN C 133 9.78 13.50 -2.97
CA ASN C 133 10.92 13.53 -3.87
C ASN C 133 10.72 12.56 -5.00
N GLN C 134 10.21 11.36 -4.72
CA GLN C 134 9.95 10.41 -5.84
C GLN C 134 8.87 10.84 -6.85
N LEU C 135 8.08 11.86 -6.49
CA LEU C 135 7.01 12.33 -7.36
C LEU C 135 7.49 13.24 -8.47
N LEU C 136 8.67 13.84 -8.27
CA LEU C 136 9.17 14.85 -9.18
C LEU C 136 9.34 14.32 -10.61
N PRO C 137 10.15 13.25 -10.79
CA PRO C 137 10.37 12.61 -12.12
C PRO C 137 9.08 12.28 -12.88
N LEU C 138 8.01 12.00 -12.14
CA LEU C 138 6.71 11.77 -12.74
C LEU C 138 6.14 13.01 -13.41
N GLU C 139 6.40 14.19 -12.86
CA GLU C 139 5.89 15.48 -13.40
C GLU C 139 4.39 15.55 -13.55
N MET C 140 3.67 15.26 -12.48
CA MET C 140 2.24 15.22 -12.57
C MET C 140 1.61 16.59 -12.61
N ASP C 141 0.43 16.64 -13.22
CA ASP C 141 -0.32 17.89 -13.30
C ASP C 141 -1.61 17.68 -12.59
N ASP C 142 -2.51 18.63 -12.72
CA ASP C 142 -3.76 18.56 -12.00
C ASP C 142 -4.66 17.44 -12.39
N ALA C 143 -4.69 17.05 -13.66
CA ALA C 143 -5.63 15.99 -14.03
C ALA C 143 -5.11 14.67 -13.44
N GLU C 144 -3.80 14.49 -13.49
CA GLU C 144 -3.20 13.29 -13.02
C GLU C 144 -3.35 13.13 -11.50
N THR C 145 -2.99 14.20 -10.76
CA THR C 145 -3.08 14.18 -9.29
C THR C 145 -4.55 14.00 -8.89
N GLY C 146 -5.46 14.62 -9.60
CA GLY C 146 -6.89 14.44 -9.25
C GLY C 146 -7.39 13.04 -9.59
N LEU C 147 -7.07 12.53 -10.78
CA LEU C 147 -7.47 11.17 -11.12
C LEU C 147 -6.94 10.14 -10.14
N LEU C 148 -5.64 10.23 -9.89
CA LEU C 148 -4.99 9.35 -8.96
C LEU C 148 -5.66 9.38 -7.58
N SER C 149 -5.95 10.56 -7.06
CA SER C 149 -6.74 10.66 -5.84
C SER C 149 -8.08 10.00 -6.04
N ALA C 150 -8.70 10.15 -7.20
CA ALA C 150 -10.05 9.68 -7.35
C ALA C 150 -10.06 8.16 -7.36
N ILE C 151 -8.95 7.60 -7.86
CA ILE C 151 -8.80 6.17 -8.10
C ILE C 151 -8.57 5.49 -6.77
N CYS C 152 -7.84 6.20 -5.92
CA CYS C 152 -7.52 5.82 -4.56
C CYS C 152 -8.78 5.84 -3.68
N LEU C 153 -9.59 6.88 -3.86
CA LEU C 153 -10.90 7.06 -3.18
C LEU C 153 -11.97 6.04 -3.56
N ILE C 154 -12.22 5.88 -4.85
CA ILE C 154 -13.28 5.01 -5.35
C ILE C 154 -12.73 3.59 -5.54
N CYS C 155 -12.66 2.88 -4.41
CA CYS C 155 -12.15 1.51 -4.34
C CYS C 155 -13.23 0.49 -3.98
N GLY C 156 -13.57 -0.43 -4.88
CA GLY C 156 -14.57 -1.48 -4.57
C GLY C 156 -14.26 -2.34 -3.36
N ASP C 157 -12.99 -2.43 -3.02
CA ASP C 157 -12.50 -3.45 -2.08
C ASP C 157 -12.60 -3.05 -0.57
N ARG C 158 -13.12 -1.87 -0.26
CA ARG C 158 -13.16 -1.42 1.15
C ARG C 158 -14.05 -2.28 2.04
N GLN C 159 -13.63 -2.48 3.27
CA GLN C 159 -14.51 -3.16 4.19
C GLN C 159 -15.77 -2.33 4.52
N ASP C 160 -16.92 -3.00 4.41
CA ASP C 160 -18.25 -2.51 4.80
C ASP C 160 -18.93 -1.71 3.73
N LEU C 161 -18.49 -1.86 2.50
CA LEU C 161 -19.21 -1.26 1.42
C LEU C 161 -20.53 -2.03 1.21
N GLU C 162 -21.64 -1.32 1.27
CA GLU C 162 -22.93 -1.86 0.87
C GLU C 162 -23.05 -2.17 -0.63
N GLN C 163 -22.27 -1.50 -1.48
CA GLN C 163 -22.38 -1.71 -2.93
C GLN C 163 -21.04 -1.75 -3.61
N PRO C 164 -20.22 -2.76 -3.26
CA PRO C 164 -18.89 -2.85 -3.88
C PRO C 164 -19.01 -2.67 -5.39
N ASP C 165 -20.03 -3.28 -5.96
CA ASP C 165 -20.10 -3.48 -7.40
C ASP C 165 -20.37 -2.17 -8.09
N ARG C 166 -20.97 -1.24 -7.37
CA ARG C 166 -21.23 0.03 -8.01
C ARG C 166 -19.99 0.92 -7.94
N VAL C 167 -19.28 0.85 -6.82
CA VAL C 167 -18.03 1.54 -6.69
C VAL C 167 -17.02 1.12 -7.76
N ASP C 168 -16.96 -0.17 -8.05
CA ASP C 168 -16.07 -0.66 -9.06
C ASP C 168 -16.40 -0.17 -10.43
N MET C 169 -17.69 -0.05 -10.74
CA MET C 169 -18.13 0.42 -12.07
C MET C 169 -17.81 1.88 -12.16
N LEU C 170 -17.80 2.51 -11.00
CA LEU C 170 -17.44 3.91 -10.92
C LEU C 170 -15.97 4.13 -11.12
N GLN C 171 -15.17 3.21 -10.58
CA GLN C 171 -13.72 3.37 -10.59
C GLN C 171 -13.16 3.10 -11.95
N GLU C 172 -13.88 2.35 -12.78
CA GLU C 172 -13.33 1.92 -14.06
C GLU C 172 -13.07 3.05 -15.06
N PRO C 173 -14.04 3.96 -15.25
CA PRO C 173 -13.72 5.00 -16.25
C PRO C 173 -12.55 5.84 -15.81
N LEU C 174 -12.31 5.87 -14.49
CA LEU C 174 -11.21 6.67 -13.97
C LEU C 174 -9.86 6.09 -14.34
N LEU C 175 -9.67 4.81 -14.04
CA LEU C 175 -8.54 4.02 -14.49
C LEU C 175 -8.23 4.20 -15.96
N GLU C 176 -9.27 4.14 -16.80
CA GLU C 176 -9.06 4.32 -18.22
C GLU C 176 -8.64 5.74 -18.63
N ALA C 177 -9.30 6.75 -18.06
CA ALA C 177 -8.93 8.18 -18.19
C ALA C 177 -7.44 8.40 -17.86
N LEU C 178 -6.99 7.93 -16.70
CA LEU C 178 -5.61 8.11 -16.30
C LEU C 178 -4.64 7.48 -17.30
N LYS C 179 -5.01 6.30 -17.81
CA LYS C 179 -4.23 5.54 -18.78
C LYS C 179 -4.09 6.25 -20.13
N VAL C 180 -5.19 6.72 -20.72
CA VAL C 180 -5.09 7.39 -22.02
C VAL C 180 -4.43 8.73 -21.86
N TYR C 181 -4.72 9.41 -20.74
CA TYR C 181 -4.20 10.77 -20.54
C TYR C 181 -2.69 10.75 -20.38
N VAL C 182 -2.21 9.86 -19.51
CA VAL C 182 -0.78 9.66 -19.28
C VAL C 182 0.00 9.21 -20.52
N ARG C 183 -0.73 8.54 -21.42
CA ARG C 183 -0.17 7.96 -22.61
C ARG C 183 -0.03 9.06 -23.65
N LYS C 184 -1.09 9.84 -23.88
CA LYS C 184 -1.00 11.07 -24.67
C LYS C 184 0.23 11.86 -24.24
N ARG C 185 0.26 12.20 -22.95
CA ARG C 185 1.24 13.14 -22.44
C ARG C 185 2.65 12.60 -22.52
N ARG C 186 2.82 11.29 -22.43
CA ARG C 186 4.18 10.74 -22.36
C ARG C 186 4.27 9.52 -23.27
N PRO C 187 4.16 9.75 -24.60
CA PRO C 187 4.18 8.63 -25.56
C PRO C 187 5.48 7.81 -25.49
N SER C 188 6.60 8.50 -25.32
CA SER C 188 7.88 7.85 -25.03
C SER C 188 7.90 6.82 -23.90
N ARG C 189 7.01 6.90 -22.89
CA ARG C 189 7.10 6.00 -21.70
C ARG C 189 5.85 5.18 -21.32
N PRO C 190 5.90 3.88 -21.65
CA PRO C 190 4.74 3.00 -21.69
C PRO C 190 4.28 2.52 -20.31
N HIS C 191 5.22 2.53 -19.36
CA HIS C 191 5.01 2.05 -17.98
C HIS C 191 4.78 3.18 -17.01
N MET C 192 4.48 4.36 -17.54
CA MET C 192 4.27 5.50 -16.69
C MET C 192 2.95 5.37 -15.90
N PHE C 193 1.89 4.95 -16.58
CA PHE C 193 0.60 4.68 -15.96
C PHE C 193 0.66 3.69 -14.77
N PRO C 194 1.43 2.60 -14.90
CA PRO C 194 1.49 1.68 -13.77
C PRO C 194 2.38 2.22 -12.67
N LYS C 195 3.43 2.94 -13.08
CA LYS C 195 4.33 3.63 -12.18
C LYS C 195 3.56 4.58 -11.33
N MET C 196 2.67 5.35 -11.93
CA MET C 196 1.79 6.22 -11.15
C MET C 196 0.89 5.45 -10.22
N LEU C 197 0.25 4.41 -10.74
CA LEU C 197 -0.70 3.71 -9.94
C LEU C 197 -0.03 3.20 -8.69
N MET C 198 1.17 2.67 -8.86
CA MET C 198 1.86 2.06 -7.77
C MET C 198 2.22 3.07 -6.71
N LYS C 199 2.13 4.37 -7.07
CA LYS C 199 2.26 5.41 -6.06
C LYS C 199 1.27 5.27 -4.88
N ILE C 200 0.01 4.91 -5.18
CA ILE C 200 -0.98 4.61 -4.14
C ILE C 200 -0.46 3.67 -3.09
N THR C 201 0.32 2.66 -3.48
CA THR C 201 0.92 1.75 -2.47
C THR C 201 1.88 2.43 -1.49
N ASP C 202 2.58 3.48 -1.94
CA ASP C 202 3.51 4.25 -1.09
C ASP C 202 2.75 5.10 -0.11
N LEU C 203 1.75 5.84 -0.58
CA LEU C 203 0.72 6.46 0.29
C LEU C 203 0.15 5.48 1.32
N ARG C 204 -0.18 4.25 0.89
CA ARG C 204 -0.78 3.30 1.80
C ARG C 204 0.18 2.99 2.92
N SER C 205 1.41 2.70 2.54
CA SER C 205 2.47 2.44 3.49
C SER C 205 2.69 3.56 4.47
N ILE C 206 2.58 4.81 4.00
CA ILE C 206 2.65 5.95 4.92
C ILE C 206 1.42 6.14 5.81
N SER C 207 0.22 6.19 5.23
CA SER C 207 -0.96 6.35 6.03
C SER C 207 -1.18 5.19 7.00
N ALA C 208 -0.76 3.97 6.65
CA ALA C 208 -0.96 2.86 7.61
C ALA C 208 -0.20 3.14 8.91
N LYS C 209 0.97 3.79 8.81
CA LYS C 209 1.69 4.25 9.99
C LYS C 209 0.93 5.38 10.72
N GLY C 210 -0.21 5.77 10.15
CA GLY C 210 -1.00 6.86 10.69
C GLY C 210 -1.51 6.56 12.08
N ALA C 211 -2.24 5.45 12.22
CA ALA C 211 -2.90 5.09 13.49
C ALA C 211 -1.94 5.05 14.69
N GLU C 212 -0.74 4.48 14.48
CA GLU C 212 0.23 4.31 15.56
C GLU C 212 0.99 5.58 15.90
N ARG C 213 1.03 6.51 14.94
CA ARG C 213 1.53 7.86 15.26
C ARG C 213 0.49 8.71 15.99
N VAL C 214 -0.79 8.50 15.67
CA VAL C 214 -1.85 9.14 16.43
C VAL C 214 -1.85 8.76 17.92
N ILE C 215 -1.66 7.47 18.21
CA ILE C 215 -1.59 7.01 19.61
C ILE C 215 -0.55 7.85 20.39
N THR C 216 0.69 7.84 19.96
CA THR C 216 1.73 8.50 20.69
C THR C 216 1.65 9.98 20.67
N LEU C 217 0.76 10.52 19.87
CA LEU C 217 0.66 11.94 19.64
C LEU C 217 -0.34 12.52 20.60
N LYS C 218 -1.52 11.88 20.68
CA LYS C 218 -2.57 12.22 21.64
C LYS C 218 -2.04 12.37 23.07
N MET C 219 -0.94 11.66 23.35
CA MET C 219 -0.20 11.74 24.60
C MET C 219 0.65 13.00 24.72
N GLU C 220 1.21 13.46 23.60
CA GLU C 220 2.10 14.62 23.61
C GLU C 220 1.44 16.00 23.63
N ILE C 221 0.12 16.01 23.43
CA ILE C 221 -0.66 17.22 23.25
C ILE C 221 -1.58 17.51 24.43
N PRO C 222 -1.97 18.79 24.62
CA PRO C 222 -2.82 19.20 25.73
C PRO C 222 -4.24 18.73 25.54
N GLY C 223 -5.01 19.46 24.74
CA GLY C 223 -6.40 19.11 24.47
C GLY C 223 -6.53 17.77 23.78
N SER C 224 -7.18 17.79 22.63
CA SER C 224 -7.44 16.54 21.94
C SER C 224 -7.42 16.75 20.43
N MET C 225 -7.65 15.65 19.71
CA MET C 225 -7.88 15.70 18.29
C MET C 225 -9.06 16.58 17.99
N PRO C 226 -8.85 17.63 17.18
CA PRO C 226 -9.99 18.41 16.70
C PRO C 226 -11.07 17.44 16.20
N PRO C 227 -12.38 17.79 16.30
CA PRO C 227 -13.40 16.75 16.12
C PRO C 227 -13.39 16.07 14.75
N LEU C 228 -13.27 16.88 13.69
CA LEU C 228 -13.34 16.36 12.30
C LEU C 228 -12.24 15.34 11.96
N ILE C 229 -11.04 15.64 12.41
CA ILE C 229 -9.93 14.73 12.27
C ILE C 229 -10.16 13.49 13.10
N GLN C 230 -10.73 13.64 14.28
CA GLN C 230 -11.17 12.45 15.02
C GLN C 230 -12.04 11.51 14.17
N GLU C 231 -12.99 12.07 13.42
CA GLU C 231 -13.89 11.23 12.66
C GLU C 231 -13.31 10.54 11.46
N MET C 232 -12.18 11.03 10.92
CA MET C 232 -11.56 10.40 9.74
C MET C 232 -10.73 9.18 10.06
N LEU C 233 -10.34 9.05 11.33
CA LEU C 233 -9.37 8.03 11.77
C LEU C 233 -9.96 7.02 12.74
N GLU C 234 -10.98 7.44 13.51
CA GLU C 234 -11.64 6.55 14.47
C GLU C 234 -12.89 5.87 13.88
N LYS D 1 -25.91 12.62 12.24
CA LYS D 1 -25.14 13.91 12.10
C LYS D 1 -23.68 13.81 12.60
N SER D 2 -23.03 12.66 12.37
CA SER D 2 -21.66 12.48 12.86
C SER D 2 -20.69 13.61 12.41
N LEU D 3 -21.16 14.66 11.71
CA LEU D 3 -20.33 15.85 11.46
C LEU D 3 -19.86 15.92 10.00
N LEU D 4 -19.23 14.83 9.53
CA LEU D 4 -18.86 14.73 8.12
C LEU D 4 -20.05 14.38 7.24
N GLN D 5 -21.17 14.07 7.89
CA GLN D 5 -22.43 13.83 7.20
C GLN D 5 -23.04 15.16 6.86
N GLN D 6 -22.78 16.11 7.75
CA GLN D 6 -23.12 17.49 7.52
C GLN D 6 -22.36 18.08 6.33
N LEU D 7 -21.22 17.49 6.00
CA LEU D 7 -20.51 17.97 4.84
C LEU D 7 -21.14 17.37 3.60
N LEU D 8 -21.52 16.09 3.72
CA LEU D 8 -22.07 15.35 2.60
C LEU D 8 -23.46 15.80 2.19
N THR D 9 -24.34 15.94 3.18
CA THR D 9 -25.76 16.15 2.91
C THR D 9 -26.09 17.63 2.90
N GLU D 10 -25.26 18.43 2.22
CA GLU D 10 -25.46 19.90 2.19
C GLU D 10 -24.79 20.54 1.00
C4 LUF E . 5.64 -11.88 12.59
C5 LUF E . 5.54 -10.67 11.70
C6 LUF E . 4.30 -10.96 10.94
C7 LUF E . 4.41 -13.00 9.53
C8 LUF E . 3.88 -14.39 11.83
C10 LUF E . 3.26 -13.84 9.00
C13 LUF E . 2.82 -15.06 6.93
C15 LUF E . 3.21 -15.92 5.78
C17 LUF E . 3.15 -18.21 4.86
C20 LUF E . 4.12 -19.29 2.61
C21 LUF E . 4.12 -19.34 4.93
C22 LUF E . 4.09 -20.70 3.09
C24 LUF E . 3.01 -21.47 3.10
O3 LUF E . 2.76 -23.69 3.88
C25 LUF E . 3.44 -22.67 3.75
O1 LUF E . 4.82 -22.51 4.23
C23 LUF E . 5.33 -21.35 3.61
O2 LUF E . 6.06 -20.50 4.48
C18 LUF E . 2.74 -18.75 2.50
C19 LUF E . 2.53 -17.94 3.74
C16 LUF E . 2.87 -17.36 6.07
C12 LUF E . 3.69 -14.70 7.85
C14 LUF E . 5.10 -15.16 7.78
C3 LUF E . 4.04 -12.24 10.79
C1 LUF E . 3.51 -12.95 11.98
C9 LUF E . 2.02 -12.76 12.11
C11 LUF E . 3.42 -9.88 10.40
C2 LUF E . 4.26 -12.27 13.09
C4 LUF F . -2.60 12.42 13.25
C5 LUF F . -2.80 11.16 12.37
C6 LUF F . -2.25 11.52 11.01
C7 LUF F . -2.69 13.61 9.58
C8 LUF F . -1.69 14.98 11.87
C10 LUF F . -1.55 14.27 8.73
C13 LUF F . -1.28 15.27 6.47
C15 LUF F . -1.78 16.07 5.31
C17 LUF F . -2.19 18.44 4.51
C21 LUF F . -3.10 19.52 4.88
C22 LUF F . -3.32 20.70 2.68
C24 LUF F . -2.25 21.50 2.54
O3 LUF F . -1.97 23.81 3.23
C25 LUF F . -2.68 22.79 3.11
O1 LUF F . -4.08 22.85 3.52
C23 LUF F . -4.52 21.49 3.23
O2 LUF F . -5.02 21.02 4.53
C19 LUF F . -1.87 18.41 3.18
C16 LUF F . -1.75 17.55 5.69
C12 LUF F . -2.07 15.07 7.55
C14 LUF F . -3.46 15.62 7.67
C3 LUF F . -2.02 12.82 10.76
C1 LUF F . -1.12 13.57 11.72
C9 LUF F . 0.34 13.53 11.19
C11 LUF F . -2.04 10.45 9.98
C2 LUF F . -1.17 12.92 13.08
#